data_2OC8
#
_entry.id   2OC8
#
_cell.length_a   223.871
_cell.length_b   223.871
_cell.length_c   74.962
_cell.angle_alpha   90.00
_cell.angle_beta   90.00
_cell.angle_gamma   120.00
#
_symmetry.space_group_name_H-M   'H 3 2'
#
loop_
_entity.id
_entity.type
_entity.pdbx_description
1 polymer 'Hepatitis C virus'
2 polymer 'Hepatitis C virus'
3 non-polymer 'ZINC ION'
4 non-polymer BETA-MERCAPTOETHANOL
5 non-polymer 'boceprevir (bound form)'
6 water water
#
loop_
_entity_poly.entity_id
_entity_poly.type
_entity_poly.pdbx_seq_one_letter_code
_entity_poly.pdbx_strand_id
1 'polypeptide(L)'
;MASMTGGQQMGAPITAYAQQTRGLLGCIITSLTGRDKNQVEGEVQIVSTATQTFLATCINGVCWTVYHGAGTRTIASPKG
PVIQMYTNVDQDLVGWPAPQGSRSLTPCTCGSSDLYLVTRHADVIPVRRRGDSRGSLLSPRPISYLKGSSGGPLLCPAGH
AVGLFRAAVCTRGVAKAVDFIPVENLETTMRSGSHHHHHH
;
A,C
2 'polypeptide(L)' KKGSVVIVGRIVLSGKPAIIPKK B,D
#
# COMPACT_ATOMS: atom_id res chain seq x y z
N MET A 10 11.17 -4.92 2.78
CA MET A 10 11.18 -3.45 2.50
C MET A 10 11.22 -2.70 3.83
N GLY A 11 10.11 -2.06 4.20
CA GLY A 11 10.05 -1.31 5.45
C GLY A 11 8.63 -0.93 5.80
N ALA A 12 8.49 0.22 6.47
CA ALA A 12 7.18 0.75 6.91
C ALA A 12 7.15 2.27 6.68
N PRO A 13 5.97 2.84 6.34
CA PRO A 13 4.67 2.19 6.14
C PRO A 13 4.62 1.28 4.89
N ILE A 14 3.80 0.25 4.94
CA ILE A 14 3.67 -0.67 3.82
C ILE A 14 2.80 -0.02 2.76
N THR A 15 3.41 0.26 1.62
CA THR A 15 2.70 0.84 0.49
C THR A 15 3.07 -0.09 -0.66
N ALA A 16 2.16 -0.25 -1.60
CA ALA A 16 2.42 -1.13 -2.73
C ALA A 16 1.67 -0.65 -3.94
N TYR A 17 2.17 -0.98 -5.12
CA TYR A 17 1.50 -0.62 -6.35
C TYR A 17 1.57 -1.80 -7.31
N ALA A 18 0.61 -1.85 -8.22
CA ALA A 18 0.53 -2.92 -9.21
C ALA A 18 0.82 -2.40 -10.61
N GLN A 19 1.30 -3.28 -11.47
CA GLN A 19 1.58 -2.95 -12.86
C GLN A 19 1.21 -4.18 -13.67
N GLN A 20 0.31 -4.03 -14.64
CA GLN A 20 -0.04 -5.16 -15.48
C GLN A 20 1.05 -5.20 -16.55
N THR A 21 1.45 -6.40 -16.97
CA THR A 21 2.51 -6.54 -17.95
C THR A 21 2.13 -7.39 -19.14
N ARG A 22 0.98 -8.05 -19.09
CA ARG A 22 0.54 -8.91 -20.17
C ARG A 22 -0.96 -8.98 -20.26
N GLY A 23 -1.44 -9.01 -21.50
CA GLY A 23 -2.85 -9.07 -21.75
C GLY A 23 -3.31 -10.51 -21.89
N LEU A 24 -4.61 -10.65 -22.13
CA LEU A 24 -5.22 -11.95 -22.25
C LEU A 24 -4.63 -12.81 -23.38
N LEU A 25 -4.36 -12.22 -24.53
CA LEU A 25 -3.83 -12.98 -25.66
C LEU A 25 -2.33 -13.30 -25.57
N GLY A 26 -1.54 -12.37 -25.07
CA GLY A 26 -0.12 -12.60 -24.92
C GLY A 26 0.09 -13.64 -23.84
N CYS A 27 -0.82 -13.60 -22.87
CA CYS A 27 -0.80 -14.52 -21.74
C CYS A 27 -1.01 -15.95 -22.26
N ILE A 28 -2.10 -16.18 -23.00
CA ILE A 28 -2.41 -17.50 -23.57
C ILE A 28 -1.26 -18.05 -24.40
N ILE A 29 -0.69 -17.22 -25.28
CA ILE A 29 0.43 -17.68 -26.09
C ILE A 29 1.59 -18.10 -25.18
N THR A 30 1.91 -17.25 -24.21
CA THR A 30 3.02 -17.51 -23.28
C THR A 30 2.78 -18.77 -22.45
N SER A 31 1.51 -19.02 -22.12
CA SER A 31 1.16 -20.19 -21.32
C SER A 31 1.54 -21.43 -22.10
N LEU A 32 1.18 -21.44 -23.38
CA LEU A 32 1.47 -22.56 -24.28
C LEU A 32 2.96 -22.65 -24.58
N THR A 33 3.55 -21.59 -25.08
CA THR A 33 4.97 -21.63 -25.41
C THR A 33 5.83 -21.82 -24.18
N GLY A 34 5.32 -21.39 -23.02
CA GLY A 34 6.08 -21.49 -21.80
C GLY A 34 7.30 -20.60 -21.81
N ARG A 35 7.44 -19.74 -22.82
CA ARG A 35 8.60 -18.87 -22.88
C ARG A 35 8.14 -17.43 -22.72
N ASP A 36 8.58 -16.81 -21.63
CA ASP A 36 8.21 -15.44 -21.32
C ASP A 36 9.48 -14.63 -21.25
N LYS A 37 9.60 -13.66 -22.15
CA LYS A 37 10.77 -12.82 -22.21
C LYS A 37 10.64 -11.49 -21.45
N ASN A 38 9.45 -11.22 -20.90
CA ASN A 38 9.22 -9.98 -20.15
C ASN A 38 10.15 -9.83 -18.95
N GLN A 39 10.44 -8.58 -18.60
CA GLN A 39 11.30 -8.28 -17.46
C GLN A 39 10.49 -8.41 -16.19
N VAL A 40 11.13 -8.92 -15.14
CA VAL A 40 10.44 -9.11 -13.87
C VAL A 40 10.95 -8.16 -12.80
N GLU A 41 10.01 -7.64 -12.01
CA GLU A 41 10.32 -6.74 -10.92
C GLU A 41 9.30 -7.02 -9.85
N GLY A 42 9.62 -6.67 -8.61
CA GLY A 42 8.68 -6.86 -7.52
C GLY A 42 8.83 -8.16 -6.76
N GLU A 43 8.16 -8.23 -5.62
CA GLU A 43 8.23 -9.41 -4.77
C GLU A 43 6.99 -10.29 -4.87
N VAL A 44 5.93 -9.72 -5.41
CA VAL A 44 4.69 -10.44 -5.60
C VAL A 44 4.33 -10.32 -7.08
N GLN A 45 4.19 -11.47 -7.75
CA GLN A 45 3.84 -11.52 -9.17
C GLN A 45 2.38 -11.86 -9.33
N ILE A 46 1.69 -11.12 -10.19
CA ILE A 46 0.27 -11.38 -10.48
C ILE A 46 0.43 -12.51 -11.49
N VAL A 47 -0.24 -13.62 -11.24
CA VAL A 47 -0.04 -14.80 -12.07
C VAL A 47 -1.34 -15.42 -12.53
N SER A 48 -1.34 -16.01 -13.72
CA SER A 48 -2.54 -16.65 -14.22
C SER A 48 -2.37 -17.89 -15.05
N THR A 49 -3.34 -18.77 -14.89
CA THR A 49 -3.42 -20.01 -15.60
C THR A 49 -4.57 -19.72 -16.55
N ALA A 50 -5.00 -20.71 -17.31
CA ALA A 50 -6.12 -20.50 -18.22
C ALA A 50 -7.43 -20.50 -17.44
N THR A 51 -7.40 -21.12 -16.26
CA THR A 51 -8.58 -21.21 -15.43
C THR A 51 -8.69 -20.05 -14.46
N GLN A 52 -7.58 -19.54 -13.93
CA GLN A 52 -7.65 -18.44 -12.97
C GLN A 52 -6.41 -17.56 -12.77
N THR A 53 -6.64 -16.41 -12.12
CA THR A 53 -5.60 -15.44 -11.80
C THR A 53 -5.49 -15.29 -10.30
N PHE A 54 -4.27 -15.29 -9.81
CA PHE A 54 -3.98 -15.14 -8.39
C PHE A 54 -2.61 -14.51 -8.25
N LEU A 55 -2.03 -14.59 -7.06
CA LEU A 55 -0.72 -14.02 -6.79
C LEU A 55 0.29 -15.09 -6.41
N ALA A 56 1.56 -14.72 -6.46
CA ALA A 56 2.66 -15.61 -6.12
C ALA A 56 3.66 -14.69 -5.43
N THR A 57 4.10 -15.06 -4.24
CA THR A 57 5.02 -14.24 -3.50
C THR A 57 6.40 -14.86 -3.47
N CYS A 58 7.42 -14.02 -3.64
CA CYS A 58 8.81 -14.47 -3.61
C CYS A 58 9.38 -14.31 -2.21
N ILE A 59 9.59 -15.41 -1.51
CA ILE A 59 10.15 -15.35 -0.18
C ILE A 59 11.43 -16.15 -0.23
N ASN A 60 12.52 -15.54 0.21
CA ASN A 60 13.85 -16.16 0.20
C ASN A 60 14.27 -16.87 -1.08
N GLY A 61 14.11 -16.19 -2.21
CA GLY A 61 14.51 -16.75 -3.49
C GLY A 61 13.64 -17.79 -4.16
N VAL A 62 12.47 -18.05 -3.60
CA VAL A 62 11.57 -19.02 -4.18
C VAL A 62 10.27 -18.27 -4.38
N CYS A 63 9.60 -18.55 -5.48
CA CYS A 63 8.35 -17.89 -5.80
C CYS A 63 7.22 -18.85 -5.48
N TRP A 64 6.62 -18.65 -4.30
CA TRP A 64 5.55 -19.48 -3.76
C TRP A 64 4.16 -19.06 -4.14
N THR A 65 3.24 -20.03 -4.22
CA THR A 65 1.84 -19.72 -4.50
C THR A 65 1.00 -20.90 -4.05
N VAL A 66 -0.31 -20.72 -4.05
CA VAL A 66 -1.23 -21.77 -3.64
C VAL A 66 -1.35 -22.90 -4.66
N TYR A 67 -1.19 -24.14 -4.19
CA TYR A 67 -1.30 -25.31 -5.02
C TYR A 67 -2.67 -25.35 -5.68
N HIS A 68 -3.70 -24.91 -4.96
CA HIS A 68 -5.04 -24.92 -5.53
C HIS A 68 -5.18 -23.94 -6.69
N GLY A 69 -4.10 -23.21 -6.96
CA GLY A 69 -4.11 -22.26 -8.05
C GLY A 69 -3.16 -22.70 -9.14
N ALA A 70 -1.93 -23.02 -8.76
CA ALA A 70 -0.92 -23.42 -9.73
C ALA A 70 -0.94 -24.89 -10.13
N GLY A 71 -1.51 -25.74 -9.29
CA GLY A 71 -1.54 -27.15 -9.57
C GLY A 71 -0.10 -27.58 -9.66
N THR A 72 0.24 -28.36 -10.66
CA THR A 72 1.63 -28.77 -10.82
C THR A 72 2.20 -28.15 -12.07
N ARG A 73 1.59 -27.05 -12.48
CA ARG A 73 2.02 -26.38 -13.68
C ARG A 73 3.44 -25.86 -13.56
N THR A 74 4.06 -25.63 -14.71
CA THR A 74 5.40 -25.06 -14.79
C THR A 74 5.19 -23.54 -14.89
N ILE A 75 6.21 -22.76 -14.58
CA ILE A 75 6.05 -21.32 -14.71
C ILE A 75 6.81 -20.88 -15.97
N ALA A 76 6.13 -20.10 -16.81
CA ALA A 76 6.72 -19.61 -18.05
C ALA A 76 7.88 -18.70 -17.70
N SER A 77 9.05 -18.98 -18.25
CA SER A 77 10.22 -18.15 -17.98
C SER A 77 10.96 -17.83 -19.27
N PRO A 78 11.98 -16.98 -19.22
CA PRO A 78 12.72 -16.64 -20.44
C PRO A 78 13.44 -17.82 -21.04
N LYS A 79 13.53 -18.91 -20.29
CA LYS A 79 14.23 -20.09 -20.76
C LYS A 79 13.30 -21.28 -20.99
N GLY A 80 12.01 -20.98 -21.14
CA GLY A 80 11.03 -22.03 -21.33
C GLY A 80 10.39 -22.32 -19.98
N PRO A 81 9.49 -23.29 -19.89
CA PRO A 81 8.83 -23.61 -18.63
C PRO A 81 9.80 -24.03 -17.55
N VAL A 82 9.52 -23.58 -16.35
CA VAL A 82 10.33 -23.93 -15.20
C VAL A 82 9.48 -24.84 -14.32
N ILE A 83 10.06 -25.99 -13.98
CA ILE A 83 9.41 -26.99 -13.14
C ILE A 83 9.41 -26.49 -11.70
N GLN A 84 8.43 -26.94 -10.93
CA GLN A 84 8.34 -26.54 -9.55
C GLN A 84 9.46 -27.15 -8.74
N MET A 85 9.95 -26.39 -7.78
CA MET A 85 10.98 -26.86 -6.87
C MET A 85 10.28 -27.61 -5.76
N TYR A 86 9.18 -27.06 -5.29
CA TYR A 86 8.44 -27.65 -4.20
C TYR A 86 6.98 -27.73 -4.58
N THR A 87 6.32 -28.79 -4.12
CA THR A 87 4.91 -29.02 -4.37
C THR A 87 4.46 -29.69 -3.10
N ASN A 88 3.31 -29.28 -2.58
CA ASN A 88 2.83 -29.91 -1.36
C ASN A 88 1.35 -29.76 -1.31
N VAL A 89 0.67 -30.74 -1.89
CA VAL A 89 -0.77 -30.70 -1.95
C VAL A 89 -1.44 -30.48 -0.61
N ASP A 90 -0.82 -30.94 0.48
CA ASP A 90 -1.42 -30.79 1.80
C ASP A 90 -1.22 -29.42 2.40
N GLN A 91 -0.01 -28.87 2.26
CA GLN A 91 0.28 -27.53 2.77
C GLN A 91 -0.38 -26.54 1.83
N ASP A 92 -0.79 -27.04 0.66
CA ASP A 92 -1.46 -26.28 -0.40
C ASP A 92 -0.48 -25.26 -0.98
N LEU A 93 0.77 -25.69 -1.13
CA LEU A 93 1.84 -24.83 -1.64
C LEU A 93 2.61 -25.41 -2.83
N VAL A 94 3.17 -24.52 -3.64
CA VAL A 94 4.03 -24.89 -4.76
C VAL A 94 5.00 -23.74 -4.79
N GLY A 95 6.19 -23.97 -5.34
CA GLY A 95 7.19 -22.93 -5.41
C GLY A 95 8.10 -23.20 -6.59
N TRP A 96 8.54 -22.16 -7.26
CA TRP A 96 9.44 -22.27 -8.39
C TRP A 96 10.60 -21.38 -8.02
N PRO A 97 11.73 -21.52 -8.70
CA PRO A 97 12.83 -20.62 -8.32
C PRO A 97 12.29 -19.24 -8.64
N ALA A 98 12.46 -18.29 -7.74
CA ALA A 98 11.97 -16.94 -7.98
C ALA A 98 12.50 -16.44 -9.30
N PRO A 99 11.64 -15.84 -10.12
CA PRO A 99 12.12 -15.36 -11.41
C PRO A 99 13.21 -14.33 -11.31
N GLN A 100 14.04 -14.28 -12.34
CA GLN A 100 15.15 -13.33 -12.39
C GLN A 100 14.59 -11.92 -12.49
N GLY A 101 14.97 -11.08 -11.53
CA GLY A 101 14.52 -9.71 -11.54
C GLY A 101 13.55 -9.43 -10.40
N SER A 102 12.99 -10.47 -9.81
CA SER A 102 12.05 -10.31 -8.71
C SER A 102 12.86 -10.05 -7.45
N ARG A 103 12.22 -9.45 -6.45
CA ARG A 103 12.87 -9.18 -5.16
C ARG A 103 12.14 -10.07 -4.16
N SER A 104 12.88 -10.68 -3.23
CA SER A 104 12.25 -11.55 -2.26
C SER A 104 12.03 -10.92 -0.89
N LEU A 105 11.01 -11.43 -0.19
CA LEU A 105 10.69 -10.99 1.14
C LEU A 105 11.41 -11.96 2.08
N THR A 106 11.37 -11.67 3.38
CA THR A 106 12.01 -12.51 4.40
C THR A 106 10.95 -12.93 5.43
N PRO A 107 11.05 -14.15 5.95
CA PRO A 107 10.06 -14.57 6.93
C PRO A 107 10.06 -13.65 8.13
N CYS A 108 8.90 -13.48 8.76
CA CYS A 108 8.76 -12.62 9.92
C CYS A 108 9.41 -13.21 11.16
N THR A 109 10.53 -12.61 11.54
CA THR A 109 11.26 -13.03 12.72
C THR A 109 10.90 -12.11 13.90
N CYS A 110 9.64 -12.15 14.32
CA CYS A 110 9.18 -11.31 15.44
C CYS A 110 7.77 -11.64 15.94
N GLY A 111 7.15 -12.65 15.37
CA GLY A 111 5.80 -13.04 15.78
C GLY A 111 4.80 -11.93 16.08
N SER A 112 4.65 -10.99 15.16
CA SER A 112 3.72 -9.88 15.33
C SER A 112 2.28 -10.38 15.22
N SER A 113 1.41 -9.84 16.05
CA SER A 113 0.00 -10.22 16.06
C SER A 113 -0.80 -9.47 15.00
N ASP A 114 -0.30 -8.30 14.62
CA ASP A 114 -0.95 -7.49 13.61
C ASP A 114 -0.30 -7.66 12.26
N LEU A 115 -1.08 -8.23 11.34
CA LEU A 115 -0.64 -8.55 9.98
C LEU A 115 -1.30 -7.65 8.95
N TYR A 116 -0.65 -7.51 7.81
CA TYR A 116 -1.14 -6.69 6.71
C TYR A 116 -1.17 -7.50 5.44
N LEU A 117 -2.37 -7.70 4.90
CA LEU A 117 -2.56 -8.46 3.65
C LEU A 117 -2.45 -7.55 2.42
N VAL A 118 -1.61 -7.93 1.46
CA VAL A 118 -1.45 -7.14 0.25
C VAL A 118 -2.28 -7.82 -0.84
N THR A 119 -3.32 -7.13 -1.28
CA THR A 119 -4.22 -7.67 -2.30
C THR A 119 -3.71 -7.52 -3.72
N ARG A 120 -4.39 -8.21 -4.63
CA ARG A 120 -4.07 -8.23 -6.06
C ARG A 120 -4.17 -6.85 -6.64
N HIS A 121 -4.95 -6.00 -5.99
CA HIS A 121 -5.16 -4.63 -6.45
C HIS A 121 -4.16 -3.71 -5.75
N ALA A 122 -3.19 -4.32 -5.10
CA ALA A 122 -2.15 -3.63 -4.37
C ALA A 122 -2.66 -2.83 -3.19
N ASP A 123 -3.63 -3.37 -2.46
CA ASP A 123 -4.13 -2.69 -1.29
C ASP A 123 -3.60 -3.45 -0.11
N VAL A 124 -3.17 -2.73 0.90
CA VAL A 124 -2.64 -3.34 2.10
C VAL A 124 -3.74 -3.22 3.12
N ILE A 125 -4.39 -4.33 3.46
CA ILE A 125 -5.46 -4.27 4.43
C ILE A 125 -5.06 -5.00 5.71
N PRO A 126 -5.33 -4.38 6.87
CA PRO A 126 -4.98 -4.99 8.15
C PRO A 126 -5.83 -6.17 8.60
N VAL A 127 -5.17 -7.20 9.10
CA VAL A 127 -5.87 -8.38 9.61
C VAL A 127 -5.25 -8.68 10.98
N ARG A 128 -6.09 -9.06 11.95
CA ARG A 128 -5.62 -9.39 13.29
C ARG A 128 -5.48 -10.90 13.42
N ARG A 129 -4.26 -11.35 13.67
CA ARG A 129 -4.00 -12.78 13.84
C ARG A 129 -4.86 -13.37 14.95
N ARG A 130 -5.49 -14.50 14.65
CA ARG A 130 -6.35 -15.19 15.59
C ARG A 130 -5.92 -16.65 15.68
N GLY A 131 -4.66 -16.92 15.32
CA GLY A 131 -4.16 -18.28 15.35
C GLY A 131 -3.12 -18.47 14.26
N ASP A 132 -2.42 -19.60 14.31
CA ASP A 132 -1.37 -19.90 13.34
C ASP A 132 -1.72 -19.64 11.88
N SER A 133 -2.99 -19.78 11.52
CA SER A 133 -3.39 -19.56 10.14
C SER A 133 -4.70 -18.80 9.93
N ARG A 134 -5.00 -17.88 10.84
CA ARG A 134 -6.21 -17.09 10.73
C ARG A 134 -5.98 -15.68 11.18
N GLY A 135 -6.81 -14.76 10.71
CA GLY A 135 -6.68 -13.38 11.08
C GLY A 135 -7.99 -12.68 10.76
N SER A 136 -8.51 -11.92 11.69
CA SER A 136 -9.76 -11.20 11.43
C SER A 136 -9.48 -9.99 10.56
N LEU A 137 -10.28 -9.82 9.53
CA LEU A 137 -10.13 -8.69 8.64
C LEU A 137 -10.68 -7.49 9.38
N LEU A 138 -9.81 -6.67 9.93
CA LEU A 138 -10.23 -5.49 10.70
C LEU A 138 -11.31 -4.65 10.03
N SER A 139 -11.38 -4.75 8.70
CA SER A 139 -12.38 -4.03 7.92
C SER A 139 -12.90 -5.05 6.91
N PRO A 140 -14.05 -5.68 7.20
CA PRO A 140 -14.63 -6.68 6.30
C PRO A 140 -14.81 -6.13 4.88
N ARG A 141 -14.42 -6.94 3.91
CA ARG A 141 -14.51 -6.57 2.51
C ARG A 141 -15.35 -7.62 1.80
N PRO A 142 -15.89 -7.27 0.62
CA PRO A 142 -16.70 -8.27 -0.08
C PRO A 142 -15.72 -9.31 -0.61
N ILE A 143 -16.19 -10.54 -0.74
CA ILE A 143 -15.38 -11.63 -1.25
C ILE A 143 -14.76 -11.27 -2.59
N SER A 144 -15.56 -10.64 -3.45
CA SER A 144 -15.13 -10.22 -4.78
C SER A 144 -13.83 -9.41 -4.73
N TYR A 145 -13.69 -8.59 -3.70
CA TYR A 145 -12.50 -7.78 -3.57
C TYR A 145 -11.25 -8.61 -3.28
N LEU A 146 -11.41 -9.64 -2.46
CA LEU A 146 -10.32 -10.53 -2.10
C LEU A 146 -9.96 -11.53 -3.21
N LYS A 147 -10.88 -11.72 -4.16
CA LYS A 147 -10.64 -12.64 -5.25
C LYS A 147 -9.40 -12.24 -6.03
N GLY A 148 -8.63 -13.25 -6.41
CA GLY A 148 -7.42 -13.00 -7.15
C GLY A 148 -6.22 -12.75 -6.27
N SER A 149 -6.42 -12.71 -4.95
CA SER A 149 -5.32 -12.47 -4.06
C SER A 149 -4.71 -13.70 -3.38
N SER A 150 -5.14 -14.89 -3.82
CA SER A 150 -4.63 -16.15 -3.25
C SER A 150 -3.16 -16.26 -3.59
N GLY A 151 -2.33 -16.49 -2.58
CA GLY A 151 -0.90 -16.58 -2.81
C GLY A 151 -0.21 -15.27 -2.45
N GLY A 152 -1.01 -14.25 -2.14
CA GLY A 152 -0.46 -12.96 -1.74
C GLY A 152 0.18 -13.01 -0.37
N PRO A 153 1.04 -12.05 -0.04
CA PRO A 153 1.66 -12.12 1.29
C PRO A 153 0.92 -11.41 2.43
N LEU A 154 1.09 -11.94 3.64
CA LEU A 154 0.54 -11.32 4.85
C LEU A 154 1.82 -10.86 5.50
N LEU A 155 2.00 -9.56 5.56
CA LEU A 155 3.19 -8.95 6.11
C LEU A 155 3.01 -8.52 7.56
N CYS A 156 4.11 -8.46 8.29
CA CYS A 156 4.08 -7.99 9.66
C CYS A 156 4.42 -6.51 9.48
N PRO A 157 4.29 -5.68 10.51
CA PRO A 157 4.60 -4.24 10.36
C PRO A 157 5.95 -3.91 9.74
N ALA A 158 6.89 -4.85 9.83
CA ALA A 158 8.24 -4.65 9.32
C ALA A 158 8.42 -4.93 7.84
N GLY A 159 7.40 -5.49 7.20
CA GLY A 159 7.48 -5.82 5.79
C GLY A 159 8.01 -7.23 5.55
N HIS A 160 7.76 -8.10 6.50
CA HIS A 160 8.22 -9.48 6.40
C HIS A 160 7.08 -10.46 6.26
N ALA A 161 7.31 -11.52 5.51
CA ALA A 161 6.29 -12.50 5.28
C ALA A 161 5.91 -13.30 6.51
N VAL A 162 4.63 -13.33 6.81
CA VAL A 162 4.09 -14.10 7.92
C VAL A 162 3.34 -15.30 7.32
N GLY A 163 2.69 -15.06 6.17
CA GLY A 163 1.95 -16.11 5.51
C GLY A 163 1.49 -15.67 4.13
N LEU A 164 0.84 -16.58 3.42
CA LEU A 164 0.32 -16.35 2.07
C LEU A 164 -1.20 -16.51 2.13
N PHE A 165 -1.95 -15.53 1.63
CA PHE A 165 -3.41 -15.60 1.64
C PHE A 165 -3.88 -16.86 0.93
N ARG A 166 -4.72 -17.63 1.59
CA ARG A 166 -5.19 -18.88 1.03
C ARG A 166 -6.67 -18.94 0.72
N ALA A 167 -7.50 -18.62 1.70
CA ALA A 167 -8.94 -18.66 1.53
C ALA A 167 -9.61 -17.63 2.41
N ALA A 168 -10.83 -17.25 2.04
CA ALA A 168 -11.56 -16.26 2.82
C ALA A 168 -12.58 -16.92 3.69
N VAL A 169 -12.75 -16.35 4.88
CA VAL A 169 -13.74 -16.81 5.87
C VAL A 169 -14.90 -15.84 5.70
N CYS A 170 -15.86 -16.22 4.86
CA CYS A 170 -16.99 -15.36 4.56
C CYS A 170 -18.38 -15.90 4.89
N THR A 171 -19.34 -14.98 4.81
CA THR A 171 -20.75 -15.27 5.05
C THR A 171 -21.52 -14.19 4.28
N ARG A 172 -22.57 -14.59 3.57
CA ARG A 172 -23.38 -13.64 2.82
C ARG A 172 -22.55 -12.90 1.78
N GLY A 173 -21.41 -13.48 1.41
CA GLY A 173 -20.56 -12.83 0.41
C GLY A 173 -19.63 -11.77 0.95
N VAL A 174 -19.51 -11.66 2.28
CA VAL A 174 -18.60 -10.69 2.88
C VAL A 174 -17.64 -11.43 3.79
N ALA A 175 -16.35 -11.25 3.55
CA ALA A 175 -15.34 -11.92 4.35
C ALA A 175 -14.99 -11.11 5.57
N LYS A 176 -14.93 -11.77 6.71
CA LYS A 176 -14.58 -11.10 7.94
C LYS A 176 -13.28 -11.63 8.49
N ALA A 177 -12.77 -12.67 7.86
CA ALA A 177 -11.50 -13.25 8.25
C ALA A 177 -10.88 -13.92 7.03
N VAL A 178 -9.61 -14.27 7.14
CA VAL A 178 -8.89 -14.90 6.05
C VAL A 178 -8.02 -16.05 6.55
N ASP A 179 -8.08 -17.19 5.86
CA ASP A 179 -7.27 -18.34 6.21
C ASP A 179 -6.00 -18.21 5.41
N PHE A 180 -4.86 -18.41 6.04
CA PHE A 180 -3.59 -18.29 5.33
C PHE A 180 -2.62 -19.40 5.64
N ILE A 181 -1.59 -19.52 4.81
CA ILE A 181 -0.53 -20.53 4.97
C ILE A 181 0.69 -19.83 5.59
N PRO A 182 0.91 -20.00 6.90
CA PRO A 182 2.03 -19.38 7.60
C PRO A 182 3.37 -19.78 7.00
N VAL A 183 4.34 -18.86 6.98
CA VAL A 183 5.64 -19.17 6.40
C VAL A 183 6.27 -20.44 6.94
N GLU A 184 5.81 -20.89 8.09
CA GLU A 184 6.30 -22.10 8.71
C GLU A 184 6.16 -23.30 7.77
N ASN A 185 5.02 -23.38 7.09
CA ASN A 185 4.76 -24.46 6.15
C ASN A 185 5.66 -24.40 4.94
N LEU A 186 6.17 -23.21 4.63
CA LEU A 186 7.09 -23.06 3.52
C LEU A 186 8.35 -23.85 3.84
N GLU A 187 8.93 -23.61 5.01
CA GLU A 187 10.13 -24.33 5.39
C GLU A 187 9.91 -25.84 5.49
N THR A 188 8.80 -26.24 6.08
CA THR A 188 8.51 -27.67 6.21
C THR A 188 8.27 -28.30 4.83
N THR A 189 7.78 -27.49 3.90
CA THR A 189 7.54 -27.95 2.54
C THR A 189 8.85 -28.09 1.79
N MET A 190 9.87 -27.35 2.22
CA MET A 190 11.18 -27.41 1.58
C MET A 190 11.95 -28.60 2.16
N ARG A 191 11.69 -28.89 3.43
CA ARG A 191 12.35 -30.00 4.10
C ARG A 191 11.78 -31.34 3.64
N SER A 192 10.56 -31.30 3.11
CA SER A 192 9.86 -32.50 2.62
C SER A 192 10.10 -32.88 1.15
N LYS B 2 0.75 -29.50 -18.71
CA LYS B 2 -0.46 -28.61 -18.75
C LYS B 2 0.03 -27.21 -19.11
N GLY B 3 -0.88 -26.24 -19.21
CA GLY B 3 -0.47 -24.88 -19.55
C GLY B 3 0.39 -24.29 -18.45
N SER B 4 1.37 -23.47 -18.81
CA SER B 4 2.24 -22.84 -17.83
C SER B 4 1.55 -21.69 -17.12
N VAL B 5 1.89 -21.47 -15.86
CA VAL B 5 1.34 -20.35 -15.10
C VAL B 5 2.10 -19.19 -15.74
N VAL B 6 1.41 -18.09 -16.01
CA VAL B 6 2.05 -16.93 -16.64
C VAL B 6 1.96 -15.66 -15.79
N ILE B 7 3.04 -14.89 -15.77
CA ILE B 7 3.06 -13.63 -15.03
C ILE B 7 2.43 -12.54 -15.89
N VAL B 8 1.30 -12.00 -15.44
CA VAL B 8 0.61 -10.94 -16.17
C VAL B 8 0.74 -9.58 -15.51
N GLY B 9 1.51 -9.49 -14.44
CA GLY B 9 1.68 -8.23 -13.75
C GLY B 9 2.50 -8.41 -12.50
N ARG B 10 2.62 -7.35 -11.71
CA ARG B 10 3.42 -7.37 -10.48
C ARG B 10 2.90 -6.39 -9.47
N ILE B 11 3.27 -6.60 -8.22
CA ILE B 11 2.90 -5.72 -7.14
C ILE B 11 4.23 -5.41 -6.48
N VAL B 12 4.59 -4.13 -6.42
CA VAL B 12 5.87 -3.74 -5.82
C VAL B 12 5.69 -3.13 -4.46
N LEU B 13 6.32 -3.74 -3.48
CA LEU B 13 6.26 -3.30 -2.11
C LEU B 13 7.44 -2.40 -1.75
N SER B 14 8.53 -2.53 -2.49
CA SER B 14 9.73 -1.76 -2.27
C SER B 14 9.71 -0.28 -2.65
N GLY B 15 8.59 0.19 -3.19
CA GLY B 15 8.51 1.59 -3.58
C GLY B 15 8.38 2.46 -2.35
N LYS B 16 8.89 3.69 -2.43
CA LYS B 16 8.83 4.61 -1.30
C LYS B 16 8.20 5.89 -1.86
N PRO B 17 7.56 6.70 -1.01
CA PRO B 17 6.95 7.94 -1.51
C PRO B 17 7.90 8.72 -2.38
N ALA B 18 7.38 9.31 -3.45
CA ALA B 18 8.21 10.07 -4.36
C ALA B 18 7.40 11.15 -5.04
N ILE B 19 8.03 12.29 -5.32
CA ILE B 19 7.37 13.40 -6.00
C ILE B 19 7.23 12.92 -7.43
N ILE B 20 6.00 12.80 -7.93
CA ILE B 20 5.80 12.35 -9.31
C ILE B 20 6.51 13.34 -10.22
N PRO B 21 7.44 12.86 -11.04
CA PRO B 21 8.20 13.69 -11.96
C PRO B 21 7.33 14.46 -12.92
N LYS B 22 7.60 15.76 -13.05
CA LYS B 22 6.87 16.61 -13.97
C LYS B 22 7.63 16.51 -15.28
N LYS B 23 7.11 15.70 -16.20
CA LYS B 23 7.75 15.48 -17.49
C LYS B 23 6.80 15.78 -18.68
N GLN C 39 1.62 7.50 -15.89
CA GLN C 39 0.21 7.96 -15.64
C GLN C 39 -0.17 7.75 -14.17
N VAL C 40 0.86 7.74 -13.33
CA VAL C 40 0.73 7.53 -11.90
C VAL C 40 -0.17 8.61 -11.33
N GLU C 41 -0.79 8.31 -10.19
CA GLU C 41 -1.67 9.25 -9.51
C GLU C 41 -1.17 9.47 -8.09
N GLY C 42 -1.14 10.73 -7.68
CA GLY C 42 -0.66 11.06 -6.35
C GLY C 42 -1.76 11.23 -5.33
N GLU C 43 -1.50 10.81 -4.09
CA GLU C 43 -2.47 10.96 -3.01
C GLU C 43 -2.23 12.29 -2.31
N VAL C 44 -0.98 12.74 -2.33
CA VAL C 44 -0.58 13.98 -1.70
C VAL C 44 -0.18 14.98 -2.76
N GLN C 45 -0.84 16.14 -2.75
CA GLN C 45 -0.53 17.21 -3.69
C GLN C 45 0.27 18.29 -2.96
N ILE C 46 1.34 18.74 -3.60
CA ILE C 46 2.16 19.79 -3.01
C ILE C 46 1.54 21.09 -3.53
N VAL C 47 0.75 21.74 -2.67
CA VAL C 47 0.07 22.97 -3.03
C VAL C 47 0.77 24.21 -2.50
N SER C 48 0.35 25.38 -3.00
CA SER C 48 0.93 26.64 -2.56
C SER C 48 0.08 27.85 -2.90
N THR C 49 0.13 28.83 -2.00
CA THR C 49 -0.57 30.10 -2.17
C THR C 49 0.54 31.09 -2.50
N ALA C 50 0.23 32.37 -2.48
CA ALA C 50 1.24 33.39 -2.80
C ALA C 50 2.26 33.57 -1.67
N THR C 51 1.77 33.50 -0.44
CA THR C 51 2.63 33.66 0.71
C THR C 51 3.35 32.41 1.14
N GLN C 52 2.72 31.25 0.94
CA GLN C 52 3.30 30.00 1.36
C GLN C 52 3.03 28.79 0.49
N THR C 53 3.58 27.66 0.92
CA THR C 53 3.43 26.37 0.27
C THR C 53 3.23 25.38 1.39
N PHE C 54 2.45 24.35 1.11
CA PHE C 54 2.17 23.31 2.09
C PHE C 54 1.70 22.10 1.32
N LEU C 55 1.02 21.19 2.02
CA LEU C 55 0.53 19.97 1.40
C LEU C 55 -0.99 19.79 1.52
N ALA C 56 -1.53 18.90 0.69
CA ALA C 56 -2.94 18.55 0.72
C ALA C 56 -2.95 17.04 0.59
N THR C 57 -3.97 16.38 1.12
CA THR C 57 -4.05 14.94 1.08
C THR C 57 -5.45 14.47 0.72
N CYS C 58 -5.55 13.68 -0.34
CA CYS C 58 -6.84 13.18 -0.78
C CYS C 58 -7.21 11.98 0.05
N ILE C 59 -8.33 12.09 0.77
CA ILE C 59 -8.82 11.00 1.60
C ILE C 59 -10.32 11.00 1.37
N ASN C 60 -10.82 9.87 0.88
CA ASN C 60 -12.23 9.72 0.60
C ASN C 60 -12.78 10.73 -0.41
N GLY C 61 -12.16 10.81 -1.58
CA GLY C 61 -12.62 11.73 -2.61
C GLY C 61 -12.42 13.22 -2.37
N VAL C 62 -12.08 13.59 -1.14
CA VAL C 62 -11.86 14.99 -0.81
C VAL C 62 -10.37 15.29 -0.72
N CYS C 63 -9.98 16.50 -1.10
CA CYS C 63 -8.59 16.91 -1.03
C CYS C 63 -8.48 17.83 0.19
N TRP C 64 -7.93 17.29 1.27
CA TRP C 64 -7.81 18.03 2.53
C TRP C 64 -6.49 18.75 2.72
N THR C 65 -6.54 19.81 3.53
CA THR C 65 -5.37 20.61 3.86
C THR C 65 -5.73 21.50 5.06
N VAL C 66 -4.73 22.18 5.59
CA VAL C 66 -4.90 23.05 6.75
C VAL C 66 -5.44 24.45 6.46
N TYR C 67 -6.42 24.87 7.25
CA TYR C 67 -7.05 26.19 7.11
C TYR C 67 -6.02 27.30 7.20
N HIS C 68 -5.01 27.12 8.04
CA HIS C 68 -3.97 28.15 8.17
C HIS C 68 -3.02 28.19 6.97
N GLY C 69 -3.33 27.42 5.94
CA GLY C 69 -2.52 27.39 4.75
C GLY C 69 -3.35 27.93 3.62
N ALA C 70 -4.55 27.35 3.45
CA ALA C 70 -5.48 27.74 2.38
C ALA C 70 -6.47 28.83 2.76
N GLY C 71 -7.05 28.70 3.94
CA GLY C 71 -8.04 29.66 4.40
C GLY C 71 -9.36 29.26 3.80
N THR C 72 -9.96 30.17 3.06
CA THR C 72 -11.22 29.91 2.39
C THR C 72 -10.91 29.88 0.90
N ARG C 73 -9.63 30.03 0.60
CA ARG C 73 -9.14 30.04 -0.76
C ARG C 73 -9.73 28.91 -1.57
N THR C 74 -9.97 29.21 -2.82
CA THR C 74 -10.55 28.26 -3.73
C THR C 74 -9.40 27.55 -4.42
N ILE C 75 -9.59 26.30 -4.87
CA ILE C 75 -8.49 25.59 -5.54
C ILE C 75 -8.53 25.71 -7.06
N ALA C 76 -7.35 25.82 -7.68
CA ALA C 76 -7.28 25.96 -9.13
C ALA C 76 -7.67 24.66 -9.84
N SER C 77 -8.24 24.80 -11.02
CA SER C 77 -8.70 23.69 -11.86
C SER C 77 -8.53 24.17 -13.29
N PRO C 78 -8.29 23.26 -14.26
CA PRO C 78 -8.14 23.72 -15.64
C PRO C 78 -9.44 24.28 -16.22
N LYS C 79 -10.51 24.18 -15.42
CA LYS C 79 -11.84 24.68 -15.79
C LYS C 79 -12.20 25.89 -14.93
N GLY C 80 -11.20 26.37 -14.17
CA GLY C 80 -11.41 27.51 -13.30
C GLY C 80 -11.41 27.16 -11.83
N PRO C 81 -11.43 28.16 -10.94
CA PRO C 81 -11.44 27.96 -9.50
C PRO C 81 -12.61 27.11 -8.99
N VAL C 82 -12.30 26.13 -8.16
CA VAL C 82 -13.29 25.26 -7.59
C VAL C 82 -13.22 25.46 -6.09
N ILE C 83 -14.38 25.74 -5.50
CA ILE C 83 -14.49 26.02 -4.07
C ILE C 83 -14.44 24.83 -3.11
N GLN C 84 -14.15 25.15 -1.85
CA GLN C 84 -14.07 24.16 -0.80
C GLN C 84 -15.42 23.52 -0.52
N MET C 85 -15.44 22.21 -0.40
CA MET C 85 -16.65 21.50 -0.09
C MET C 85 -16.80 21.63 1.40
N TYR C 86 -15.66 21.72 2.08
CA TYR C 86 -15.63 21.83 3.53
C TYR C 86 -14.63 22.89 3.96
N THR C 87 -14.95 23.56 5.07
CA THR C 87 -14.11 24.58 5.68
C THR C 87 -14.46 24.42 7.16
N ASN C 88 -13.44 24.42 8.01
CA ASN C 88 -13.67 24.24 9.43
C ASN C 88 -12.52 24.88 10.17
N VAL C 89 -12.63 26.19 10.38
CA VAL C 89 -11.58 26.92 11.05
C VAL C 89 -11.24 26.34 12.41
N ASP C 90 -12.25 25.83 13.09
CA ASP C 90 -12.07 25.25 14.42
C ASP C 90 -11.06 24.12 14.42
N GLN C 91 -11.38 23.05 13.69
CA GLN C 91 -10.50 21.89 13.58
C GLN C 91 -9.32 22.12 12.64
N ASP C 92 -9.20 23.36 12.12
CA ASP C 92 -8.13 23.77 11.20
C ASP C 92 -8.19 22.97 9.89
N LEU C 93 -9.40 22.55 9.51
CA LEU C 93 -9.63 21.71 8.35
C LEU C 93 -10.46 22.31 7.22
N VAL C 94 -9.96 22.19 5.99
CA VAL C 94 -10.66 22.66 4.79
C VAL C 94 -10.48 21.57 3.74
N GLY C 95 -11.42 21.47 2.80
CA GLY C 95 -11.32 20.45 1.77
C GLY C 95 -12.12 20.73 0.53
N TRP C 96 -11.50 20.52 -0.63
CA TRP C 96 -12.16 20.71 -1.92
C TRP C 96 -12.31 19.32 -2.54
N PRO C 97 -12.99 19.22 -3.68
CA PRO C 97 -13.10 17.87 -4.25
C PRO C 97 -11.70 17.52 -4.77
N ALA C 98 -11.32 16.25 -4.67
CA ALA C 98 -10.00 15.82 -5.12
C ALA C 98 -9.70 16.27 -6.54
N PRO C 99 -8.52 16.87 -6.78
CA PRO C 99 -8.15 17.33 -8.13
C PRO C 99 -7.80 16.17 -9.05
N GLN C 100 -7.33 16.49 -10.24
CA GLN C 100 -6.95 15.47 -11.21
C GLN C 100 -5.54 14.99 -10.94
N GLY C 101 -5.26 13.75 -11.31
CA GLY C 101 -3.94 13.20 -11.08
C GLY C 101 -3.77 12.85 -9.62
N SER C 102 -4.90 12.66 -8.94
CA SER C 102 -4.91 12.33 -7.53
C SER C 102 -5.66 11.04 -7.28
N ARG C 103 -5.30 10.35 -6.21
CA ARG C 103 -5.96 9.11 -5.82
C ARG C 103 -6.16 9.24 -4.33
N SER C 104 -7.28 8.75 -3.83
CA SER C 104 -7.57 8.85 -2.41
C SER C 104 -6.91 7.83 -1.49
N LEU C 105 -6.59 8.31 -0.30
CA LEU C 105 -5.96 7.54 0.75
C LEU C 105 -7.09 6.89 1.53
N THR C 106 -6.80 5.73 2.10
CA THR C 106 -7.78 5.01 2.88
C THR C 106 -7.56 5.36 4.34
N PRO C 107 -8.66 5.59 5.08
CA PRO C 107 -8.51 5.92 6.49
C PRO C 107 -7.94 4.73 7.27
N CYS C 108 -7.27 4.98 8.39
CA CYS C 108 -6.72 3.87 9.16
C CYS C 108 -7.84 3.15 9.88
N THR C 109 -7.72 1.83 9.96
CA THR C 109 -8.72 0.97 10.60
C THR C 109 -8.08 -0.07 11.52
N CYS C 110 -6.87 0.22 11.99
CA CYS C 110 -6.16 -0.69 12.87
C CYS C 110 -5.72 -0.03 14.16
N GLY C 111 -6.04 1.26 14.30
CA GLY C 111 -5.68 1.99 15.50
C GLY C 111 -4.22 1.91 15.93
N SER C 112 -3.33 1.63 15.00
CA SER C 112 -1.92 1.54 15.35
C SER C 112 -1.39 2.91 15.77
N SER C 113 -0.41 2.88 16.65
CA SER C 113 0.19 4.10 17.15
C SER C 113 1.53 4.36 16.50
N ASP C 114 1.97 3.46 15.63
CA ASP C 114 3.23 3.66 14.94
C ASP C 114 2.93 4.38 13.63
N LEU C 115 2.90 5.71 13.71
CA LEU C 115 2.60 6.57 12.58
C LEU C 115 3.84 6.94 11.76
N TYR C 116 3.60 7.44 10.54
CA TYR C 116 4.68 7.85 9.65
C TYR C 116 4.24 9.13 8.96
N LEU C 117 5.03 10.18 9.10
CA LEU C 117 4.71 11.46 8.50
C LEU C 117 5.45 11.61 7.19
N VAL C 118 4.75 12.05 6.14
CA VAL C 118 5.36 12.26 4.84
C VAL C 118 5.54 13.76 4.61
N THR C 119 6.76 14.20 4.35
CA THR C 119 7.03 15.62 4.15
C THR C 119 6.83 16.02 2.70
N ARG C 120 6.86 17.32 2.44
CA ARG C 120 6.69 17.84 1.09
C ARG C 120 7.86 17.42 0.21
N HIS C 121 8.86 16.76 0.80
CA HIS C 121 10.01 16.28 0.04
C HIS C 121 9.92 14.78 -0.11
N ALA C 122 8.80 14.23 0.33
CA ALA C 122 8.53 12.80 0.28
C ALA C 122 9.39 12.04 1.26
N ASP C 123 9.80 12.70 2.33
CA ASP C 123 10.59 12.07 3.38
C ASP C 123 9.55 11.44 4.32
N VAL C 124 9.89 10.30 4.90
CA VAL C 124 8.97 9.64 5.83
C VAL C 124 9.63 9.77 7.19
N ILE C 125 8.84 10.22 8.16
CA ILE C 125 9.32 10.45 9.51
C ILE C 125 8.53 9.59 10.47
N PRO C 126 9.19 8.61 11.12
CA PRO C 126 8.49 7.74 12.08
C PRO C 126 8.02 8.55 13.28
N VAL C 127 6.76 8.33 13.66
CA VAL C 127 6.12 9.05 14.76
C VAL C 127 5.34 8.08 15.63
N ARG C 128 5.35 8.31 16.93
CA ARG C 128 4.61 7.46 17.85
C ARG C 128 3.45 8.31 18.33
N ARG C 129 2.26 7.78 18.19
CA ARG C 129 1.07 8.52 18.59
C ARG C 129 1.03 8.68 20.09
N ARG C 130 1.10 9.91 20.53
CA ARG C 130 1.04 10.20 21.95
C ARG C 130 -0.37 10.52 22.42
N GLY C 131 -1.28 10.73 21.47
CA GLY C 131 -2.65 11.03 21.83
C GLY C 131 -3.49 11.28 20.59
N ASP C 132 -4.78 11.50 20.80
CA ASP C 132 -5.73 11.76 19.73
C ASP C 132 -5.18 12.57 18.55
N SER C 133 -4.48 13.66 18.86
CA SER C 133 -3.95 14.51 17.82
C SER C 133 -2.50 14.88 18.05
N ARG C 134 -1.80 14.04 18.82
CA ARG C 134 -0.42 14.31 19.14
C ARG C 134 0.46 13.11 18.86
N GLY C 135 1.66 13.37 18.37
CA GLY C 135 2.58 12.29 18.10
C GLY C 135 4.00 12.77 18.32
N SER C 136 4.84 11.89 18.84
CA SER C 136 6.24 12.21 19.11
C SER C 136 7.16 11.65 18.02
N LEU C 137 7.99 12.50 17.43
CA LEU C 137 8.90 12.02 16.40
C LEU C 137 9.84 11.02 17.08
N LEU C 138 10.13 9.92 16.40
CA LEU C 138 11.04 8.94 16.96
C LEU C 138 12.46 9.48 16.97
N SER C 139 12.67 10.52 16.19
CA SER C 139 13.97 11.18 16.09
C SER C 139 13.69 12.62 15.66
N PRO C 140 13.73 13.56 16.61
CA PRO C 140 13.48 14.97 16.32
C PRO C 140 14.33 15.50 15.17
N ARG C 141 13.75 16.43 14.42
CA ARG C 141 14.43 16.98 13.28
C ARG C 141 14.34 18.48 13.39
N PRO C 142 15.22 19.20 12.70
CA PRO C 142 15.20 20.66 12.75
C PRO C 142 13.83 21.05 12.22
N ILE C 143 13.25 22.14 12.73
CA ILE C 143 11.94 22.54 12.27
C ILE C 143 11.88 22.72 10.76
N SER C 144 13.00 23.15 10.18
CA SER C 144 13.11 23.36 8.74
C SER C 144 12.76 22.10 7.96
N TYR C 145 13.15 20.95 8.49
CA TYR C 145 12.89 19.66 7.86
C TYR C 145 11.41 19.38 7.65
N LEU C 146 10.57 19.82 8.59
CA LEU C 146 9.13 19.60 8.46
C LEU C 146 8.42 20.78 7.81
N LYS C 147 9.16 21.85 7.52
CA LYS C 147 8.56 23.05 6.91
C LYS C 147 7.88 22.73 5.59
N GLY C 148 6.68 23.26 5.42
CA GLY C 148 5.89 23.07 4.22
C GLY C 148 5.16 21.75 4.08
N SER C 149 5.22 20.92 5.12
CA SER C 149 4.56 19.62 5.08
C SER C 149 3.20 19.60 5.75
N SER C 150 2.75 20.75 6.22
CA SER C 150 1.47 20.84 6.90
C SER C 150 0.37 20.52 5.89
N GLY C 151 -0.55 19.63 6.27
CA GLY C 151 -1.62 19.24 5.38
C GLY C 151 -1.32 17.83 4.88
N GLY C 152 -0.06 17.43 5.04
CA GLY C 152 0.38 16.11 4.64
C GLY C 152 -0.27 15.01 5.44
N PRO C 153 -0.01 13.75 5.10
CA PRO C 153 -0.60 12.62 5.80
C PRO C 153 0.25 11.97 6.91
N LEU C 154 -0.43 11.41 7.89
CA LEU C 154 0.24 10.70 8.97
C LEU C 154 -0.29 9.31 8.74
N LEU C 155 0.54 8.46 8.14
CA LEU C 155 0.16 7.09 7.81
C LEU C 155 0.37 6.07 8.94
N CYS C 156 -0.41 4.99 8.91
CA CYS C 156 -0.25 3.90 9.89
C CYS C 156 0.60 2.86 9.19
N PRO C 157 1.06 1.80 9.89
CA PRO C 157 1.89 0.76 9.26
C PRO C 157 1.42 0.19 7.92
N ALA C 158 0.14 0.38 7.60
CA ALA C 158 -0.44 -0.10 6.34
C ALA C 158 -0.55 1.00 5.29
N GLY C 159 0.02 2.16 5.57
CA GLY C 159 -0.01 3.29 4.65
C GLY C 159 -1.35 4.01 4.60
N HIS C 160 -2.20 3.75 5.58
CA HIS C 160 -3.52 4.37 5.65
C HIS C 160 -3.44 5.69 6.41
N ALA C 161 -4.37 6.58 6.10
CA ALA C 161 -4.43 7.90 6.72
C ALA C 161 -4.89 7.79 8.15
N VAL C 162 -4.05 8.28 9.06
CA VAL C 162 -4.34 8.28 10.49
C VAL C 162 -4.79 9.69 10.80
N GLY C 163 -4.08 10.66 10.23
CA GLY C 163 -4.39 12.05 10.46
C GLY C 163 -3.74 12.89 9.39
N LEU C 164 -3.93 14.19 9.52
CA LEU C 164 -3.39 15.16 8.58
C LEU C 164 -2.48 16.05 9.42
N PHE C 165 -1.23 16.18 9.00
CA PHE C 165 -0.28 17.01 9.74
C PHE C 165 -0.81 18.42 9.93
N ARG C 166 -1.02 18.81 11.19
CA ARG C 166 -1.53 20.14 11.49
C ARG C 166 -0.44 21.16 11.78
N ALA C 167 0.46 20.85 12.70
CA ALA C 167 1.54 21.78 13.06
C ALA C 167 2.63 21.11 13.88
N ALA C 168 3.87 21.53 13.68
CA ALA C 168 4.99 20.97 14.42
C ALA C 168 5.06 21.60 15.82
N VAL C 169 5.38 20.78 16.82
CA VAL C 169 5.52 21.23 18.20
C VAL C 169 7.00 21.09 18.48
N CYS C 170 7.70 22.21 18.49
CA CYS C 170 9.14 22.20 18.70
C CYS C 170 9.67 23.00 19.89
N THR C 171 10.75 22.50 20.45
CA THR C 171 11.44 23.11 21.56
C THR C 171 12.68 23.73 20.92
N ARG C 172 12.81 25.04 21.01
CA ARG C 172 13.93 25.73 20.42
C ARG C 172 13.82 25.51 18.91
N GLY C 173 14.91 25.15 18.23
CA GLY C 173 14.80 24.96 16.79
C GLY C 173 14.48 23.55 16.30
N VAL C 174 14.27 22.62 17.22
CA VAL C 174 14.02 21.24 16.86
C VAL C 174 12.60 20.74 17.09
N ALA C 175 12.00 20.20 16.02
CA ALA C 175 10.66 19.66 16.08
C ALA C 175 10.74 18.28 16.74
N LYS C 176 10.14 18.16 17.92
CA LYS C 176 10.16 16.92 18.69
C LYS C 176 8.87 16.15 18.48
N ALA C 177 7.78 16.89 18.33
CA ALA C 177 6.47 16.29 18.14
C ALA C 177 5.66 17.02 17.07
N VAL C 178 4.48 16.49 16.77
CA VAL C 178 3.58 17.08 15.78
C VAL C 178 2.12 16.99 16.21
N ASP C 179 1.34 17.96 15.77
CA ASP C 179 -0.08 18.02 16.04
C ASP C 179 -0.70 17.53 14.74
N PHE C 180 -1.85 16.87 14.80
CA PHE C 180 -2.51 16.40 13.58
C PHE C 180 -4.01 16.24 13.69
N ILE C 181 -4.70 16.42 12.57
CA ILE C 181 -6.15 16.31 12.49
C ILE C 181 -6.47 14.84 12.24
N PRO C 182 -7.11 14.16 13.20
CA PRO C 182 -7.47 12.75 13.03
C PRO C 182 -8.43 12.57 11.85
N VAL C 183 -8.36 11.43 11.18
CA VAL C 183 -9.25 11.19 10.03
C VAL C 183 -10.70 11.22 10.43
N GLU C 184 -10.99 10.91 11.70
CA GLU C 184 -12.36 10.92 12.17
C GLU C 184 -12.97 12.30 12.01
N ASN C 185 -12.20 13.35 12.31
CA ASN C 185 -12.68 14.72 12.15
C ASN C 185 -13.11 14.90 10.72
N LEU C 186 -12.25 14.45 9.80
CA LEU C 186 -12.52 14.53 8.38
C LEU C 186 -13.76 13.71 8.02
N GLU C 187 -13.80 12.47 8.47
CA GLU C 187 -14.93 11.57 8.22
C GLU C 187 -16.20 12.21 8.78
N THR C 188 -16.03 12.90 9.90
CA THR C 188 -17.11 13.59 10.61
C THR C 188 -17.60 14.76 9.77
N THR C 189 -16.65 15.51 9.23
CA THR C 189 -16.93 16.67 8.41
C THR C 189 -17.65 16.30 7.10
N MET C 190 -17.59 15.03 6.74
CA MET C 190 -18.22 14.53 5.52
C MET C 190 -19.63 13.98 5.74
N LYS D 2 -7.22 36.58 -0.29
CA LYS D 2 -7.83 35.30 -0.73
C LYS D 2 -7.73 35.18 -2.25
N GLY D 3 -6.96 34.21 -2.71
CA GLY D 3 -6.79 33.96 -4.13
C GLY D 3 -7.14 32.52 -4.44
N SER D 4 -6.21 31.79 -5.04
CA SER D 4 -6.42 30.40 -5.42
C SER D 4 -5.22 29.52 -5.07
N VAL D 5 -5.50 28.35 -4.52
CA VAL D 5 -4.45 27.42 -4.15
C VAL D 5 -4.09 26.61 -5.39
N VAL D 6 -2.83 26.68 -5.80
CA VAL D 6 -2.38 25.94 -6.95
C VAL D 6 -1.52 24.74 -6.57
N ILE D 7 -1.72 23.65 -7.30
CA ILE D 7 -0.97 22.43 -7.07
C ILE D 7 0.30 22.57 -7.87
N VAL D 8 1.42 22.58 -7.19
CA VAL D 8 2.69 22.72 -7.89
C VAL D 8 3.43 21.39 -8.01
N GLY D 9 2.82 20.33 -7.51
CA GLY D 9 3.46 19.03 -7.59
C GLY D 9 2.63 17.95 -6.94
N ARG D 10 3.12 16.71 -7.02
CA ARG D 10 2.43 15.57 -6.45
C ARG D 10 3.36 14.53 -5.85
N ILE D 11 2.84 13.77 -4.89
CA ILE D 11 3.59 12.72 -4.23
C ILE D 11 2.79 11.42 -4.31
N VAL D 12 3.43 10.36 -4.81
CA VAL D 12 2.80 9.05 -4.90
C VAL D 12 3.43 8.22 -3.79
N LEU D 13 2.64 7.89 -2.78
CA LEU D 13 3.11 7.17 -1.62
C LEU D 13 3.70 5.78 -1.87
N SER D 14 3.27 5.12 -2.94
CA SER D 14 3.77 3.78 -3.27
C SER D 14 5.10 3.84 -4.01
N GLY D 15 5.40 5.00 -4.58
CA GLY D 15 6.62 5.16 -5.32
C GLY D 15 6.44 4.68 -6.74
N LYS D 16 5.18 4.54 -7.14
CA LYS D 16 4.86 4.08 -8.48
C LYS D 16 5.42 4.97 -9.59
N PRO D 17 6.27 4.40 -10.44
CA PRO D 17 6.91 5.08 -11.55
C PRO D 17 6.00 5.21 -12.78
N ALA D 18 5.42 4.09 -13.19
CA ALA D 18 4.52 3.99 -14.36
C ALA D 18 4.65 5.10 -15.42
#